data_8DAP
#
_entry.id   8DAP
#
_cell.length_a   166.609
_cell.length_b   166.609
_cell.length_c   119.318
_cell.angle_alpha   90.000
_cell.angle_beta   90.000
_cell.angle_gamma   120.000
#
_symmetry.space_group_name_H-M   'P 32 2 1'
#
loop_
_entity.id
_entity.type
_entity.pdbx_description
1 polymer "DNA (5'-D(*GP*AP*GP*CP*CP*TP*AP*CP*CP*CP*TP*GP*TP*AP*CP*GP*GP*AP*CP*AP*TP*CP*AP*G)-3')"
2 polymer "DNA (5'-D(*TP*CP*CP*TP*GP*AP*TP*GP*TP*GP*GP*CP*TP*AP*GP*GP*C)-3')"
3 polymer "DNA (5'-D(P*TP*AP*CP*AP*CP*CP*GP*TP*AP*CP*AP*CP*CP*GP*TP*AP*CP*AP*CP*CP*G)-3')"
#
loop_
_entity_poly.entity_id
_entity_poly.type
_entity_poly.pdbx_seq_one_letter_code
_entity_poly.pdbx_strand_id
1 'polydeoxyribonucleotide'
;(DG)(DA)(DG)(DC)(DC)(DT)(DA)(DC)(DC)(DC)(DT)(DG)(DT)(DA)(DC)(DG)(DG)(DA)(DC)(DA)
(DT)(DC)(DA)(DG)
;
E,A,I
2 'polydeoxyribonucleotide' (DT)(DC)(DC)(DT)(DG)(DA)(DT)(DG)(DT)(DG)(DG)(DC)(DT)(DA)(DG)(DG)(DC) H,C,D
3 'polydeoxyribonucleotide'
;(DT)(DA)(DC)(DA)(DC)(DC)(DG)(DT)(DA)(DC)(DA)(DC)(DC)(DG)(DT)(DA)(DC)(DA)(DC)(DC)
(DG)
;
B
#